data_5H5S
#
_entry.id   5H5S
#
_cell.length_a   35.017
_cell.length_b   39.077
_cell.length_c   59.394
_cell.angle_alpha   90.00
_cell.angle_beta   97.84
_cell.angle_gamma   90.00
#
_symmetry.space_group_name_H-M   'P 1 21 1'
#
loop_
_entity.id
_entity.type
_entity.pdbx_description
1 polymer 'Phospholipid hydroperoxide glutathione peroxidase, mitochondrial'
2 polymer GXpep-3
3 non-polymer GLYCEROL
4 water water
#
loop_
_entity_poly.entity_id
_entity_poly.type
_entity_poly.pdbx_seq_one_letter_code
_entity_poly.pdbx_strand_id
1 'polypeptide(L)'
;SASRDDWRAARSMHEFSAKDIDGHMVNLDKYRGFVSIVTNVASQ(CSD)GKTEVNYTQLVDLHARYAERGLRILAFPSNQ
FGKQEPGSNEEIKEFAAGYNVKFDMFSKIEVNGDDAHPLWKWMKIQPKGKGILGNAIKWNFTKFLIDKNGVVVKRYGPME
EPLVIEKDLPHYF
;
A
2 'polypeptide(L)' VPCPYLPLWNCAGK B
#
# COMPACT_ATOMS: atom_id res chain seq x y z
N ASP A 6 15.01 5.93 15.06
CA ASP A 6 15.15 7.12 14.17
C ASP A 6 13.95 7.25 13.24
N TRP A 7 13.46 6.13 12.68
CA TRP A 7 12.21 6.14 11.92
C TRP A 7 11.03 6.56 12.81
N ARG A 8 11.12 6.30 14.12
CA ARG A 8 10.10 6.75 15.07
C ARG A 8 9.97 8.28 15.14
N ALA A 9 11.07 8.98 14.93
CA ALA A 9 11.11 10.43 15.00
C ALA A 9 10.51 11.13 13.78
N ALA A 10 10.23 10.39 12.70
CA ALA A 10 9.62 10.99 11.51
C ALA A 10 8.20 11.44 11.78
N ARG A 11 7.76 12.47 11.08
CA ARG A 11 6.42 13.00 11.18
C ARG A 11 5.68 13.05 9.84
N SER A 12 6.31 12.54 8.79
CA SER A 12 5.76 12.56 7.46
C SER A 12 6.37 11.44 6.64
N MET A 13 5.57 10.86 5.75
CA MET A 13 6.05 9.95 4.70
C MET A 13 7.18 10.56 3.89
N HIS A 14 7.14 11.87 3.73
CA HIS A 14 8.10 12.60 2.91
C HIS A 14 9.53 12.55 3.46
N GLU A 15 9.68 12.16 4.73
CA GLU A 15 10.99 11.94 5.33
C GLU A 15 11.67 10.62 4.94
N PHE A 16 10.99 9.75 4.20
CA PHE A 16 11.51 8.41 3.86
C PHE A 16 11.90 8.31 2.39
N SER A 17 12.73 7.30 2.12
CA SER A 17 13.09 6.91 0.78
C SER A 17 12.84 5.41 0.64
N ALA A 18 12.65 4.96 -0.60
CA ALA A 18 12.36 3.53 -0.88
C ALA A 18 12.82 3.15 -2.28
N LYS A 19 13.27 1.91 -2.42
CA LYS A 19 13.80 1.43 -3.68
C LYS A 19 12.66 1.01 -4.58
N ASP A 20 12.58 1.62 -5.77
CA ASP A 20 11.50 1.28 -6.70
C ASP A 20 11.72 -0.12 -7.31
N ILE A 21 10.74 -0.60 -8.07
CA ILE A 21 10.80 -1.98 -8.58
C ILE A 21 11.95 -2.22 -9.57
N ASP A 22 12.51 -1.15 -10.15
CA ASP A 22 13.69 -1.23 -11.05
C ASP A 22 15.02 -1.12 -10.30
N GLY A 23 14.98 -1.02 -8.97
CA GLY A 23 16.21 -0.96 -8.17
C GLY A 23 16.74 0.44 -7.93
N HIS A 24 15.94 1.47 -8.20
CA HIS A 24 16.39 2.88 -8.06
C HIS A 24 15.73 3.56 -6.88
N MET A 25 16.50 4.30 -6.09
CA MET A 25 15.95 4.95 -4.91
C MET A 25 15.01 6.08 -5.24
N VAL A 26 13.92 6.15 -4.50
CA VAL A 26 12.95 7.23 -4.63
C VAL A 26 12.90 8.00 -3.31
N ASN A 27 13.13 9.30 -3.36
CA ASN A 27 12.88 10.19 -2.24
C ASN A 27 11.37 10.40 -2.17
N LEU A 28 10.71 9.96 -1.10
CA LEU A 28 9.26 10.11 -0.99
C LEU A 28 8.77 11.56 -0.78
N ASP A 29 9.68 12.52 -0.57
CA ASP A 29 9.29 13.94 -0.65
C ASP A 29 8.73 14.39 -2.02
N LYS A 30 8.96 13.62 -3.08
CA LYS A 30 8.35 13.94 -4.38
C LYS A 30 6.83 13.84 -4.36
N TYR A 31 6.27 13.16 -3.35
CA TYR A 31 4.81 13.09 -3.16
C TYR A 31 4.25 14.29 -2.39
N ARG A 32 5.11 15.21 -1.97
CA ARG A 32 4.63 16.39 -1.27
C ARG A 32 3.67 17.17 -2.18
N GLY A 33 2.52 17.50 -1.63
CA GLY A 33 1.47 18.20 -2.36
C GLY A 33 0.49 17.28 -3.06
N PHE A 34 0.69 15.96 -2.95
CA PHE A 34 -0.18 14.95 -3.58
C PHE A 34 -0.78 14.08 -2.52
N VAL A 35 -2.05 13.71 -2.71
CA VAL A 35 -2.70 12.71 -1.87
C VAL A 35 -2.21 11.37 -2.37
N SER A 36 -1.79 10.49 -1.45
CA SER A 36 -1.16 9.22 -1.81
C SER A 36 -1.87 8.05 -1.13
N ILE A 37 -1.99 6.94 -1.87
CA ILE A 37 -2.41 5.66 -1.31
C ILE A 37 -1.15 4.78 -1.29
N VAL A 38 -0.82 4.24 -0.11
CA VAL A 38 0.32 3.31 0.01
C VAL A 38 -0.29 1.94 0.34
N THR A 39 0.07 0.92 -0.43
CA THR A 39 -0.52 -0.41 -0.28
C THR A 39 0.51 -1.51 -0.47
N ASN A 40 0.31 -2.63 0.24
CA ASN A 40 1.15 -3.82 0.10
C ASN A 40 0.42 -4.78 -0.85
N VAL A 41 1.11 -5.23 -1.90
CA VAL A 41 0.46 -6.01 -2.97
C VAL A 41 1.01 -7.44 -3.03
N ALA A 42 0.24 -8.30 -3.71
CA ALA A 42 0.59 -9.70 -3.96
C ALA A 42 -0.12 -10.16 -5.22
N SER A 43 0.56 -11.01 -5.98
CA SER A 43 0.06 -11.44 -7.28
C SER A 43 -0.85 -12.67 -7.20
N GLN A 44 -0.73 -13.43 -6.11
CA GLN A 44 -1.48 -14.69 -5.97
C GLN A 44 -2.43 -14.73 -4.76
N GLY A 46 -6.62 -14.03 -3.48
CA GLY A 46 -8.00 -14.06 -3.99
C GLY A 46 -8.53 -12.70 -4.45
N LYS A 47 -7.99 -11.61 -3.88
CA LYS A 47 -8.40 -10.26 -4.26
C LYS A 47 -7.36 -9.49 -5.04
N THR A 48 -6.37 -10.16 -5.61
CA THR A 48 -5.40 -9.50 -6.50
C THR A 48 -6.08 -8.70 -7.63
N GLU A 49 -6.97 -9.37 -8.36
CA GLU A 49 -7.65 -8.73 -9.47
C GLU A 49 -8.47 -7.51 -9.06
N VAL A 50 -9.33 -7.62 -8.06
CA VAL A 50 -10.15 -6.45 -7.68
C VAL A 50 -9.27 -5.26 -7.25
N ASN A 51 -8.19 -5.56 -6.53
CA ASN A 51 -7.31 -4.52 -6.03
C ASN A 51 -6.54 -3.80 -7.11
N TYR A 52 -5.83 -4.54 -7.97
CA TYR A 52 -5.11 -3.90 -9.06
C TYR A 52 -6.05 -3.14 -10.00
N THR A 53 -7.16 -3.77 -10.39
CA THR A 53 -8.11 -3.14 -11.32
CA THR A 53 -8.10 -3.13 -11.32
C THR A 53 -8.60 -1.80 -10.77
N GLN A 54 -8.99 -1.79 -9.49
CA GLN A 54 -9.55 -0.58 -8.88
C GLN A 54 -8.50 0.51 -8.64
N LEU A 55 -7.28 0.13 -8.24
CA LEU A 55 -6.19 1.09 -8.08
C LEU A 55 -5.81 1.75 -9.41
N VAL A 56 -5.70 0.96 -10.47
CA VAL A 56 -5.46 1.50 -11.82
C VAL A 56 -6.56 2.46 -12.22
N ASP A 57 -7.81 2.06 -11.97
CA ASP A 57 -8.96 2.90 -12.28
C ASP A 57 -8.94 4.23 -11.51
N LEU A 58 -8.67 4.17 -10.21
CA LEU A 58 -8.55 5.41 -9.40
C LEU A 58 -7.46 6.33 -9.92
N HIS A 59 -6.28 5.75 -10.17
CA HIS A 59 -5.14 6.51 -10.71
C HIS A 59 -5.47 7.21 -12.03
N ALA A 60 -6.15 6.48 -12.91
CA ALA A 60 -6.52 7.03 -14.23
C ALA A 60 -7.49 8.21 -14.03
N ARG A 61 -8.45 8.07 -13.13
CA ARG A 61 -9.48 9.09 -12.99
C ARG A 61 -9.08 10.25 -12.08
N TYR A 62 -8.13 10.06 -11.18
CA TYR A 62 -7.76 11.11 -10.22
C TYR A 62 -6.32 11.62 -10.28
N ALA A 63 -5.44 11.07 -11.12
CA ALA A 63 -4.00 11.47 -11.11
C ALA A 63 -3.83 12.98 -11.38
N GLU A 64 -4.69 13.53 -12.25
CA GLU A 64 -4.74 14.97 -12.47
C GLU A 64 -5.23 15.83 -11.29
N ARG A 65 -6.10 15.29 -10.42
CA ARG A 65 -6.42 15.94 -9.12
C ARG A 65 -5.30 15.82 -8.10
N GLY A 66 -4.30 14.99 -8.38
CA GLY A 66 -3.14 14.82 -7.51
C GLY A 66 -3.08 13.50 -6.75
N LEU A 67 -3.72 12.45 -7.28
CA LEU A 67 -3.65 11.14 -6.62
C LEU A 67 -2.40 10.39 -7.05
N ARG A 68 -1.65 9.92 -6.07
CA ARG A 68 -0.49 9.05 -6.33
C ARG A 68 -0.71 7.71 -5.60
N ILE A 69 -0.17 6.63 -6.16
CA ILE A 69 -0.29 5.29 -5.57
C ILE A 69 1.10 4.67 -5.53
N LEU A 70 1.49 4.23 -4.33
CA LEU A 70 2.75 3.51 -4.09
C LEU A 70 2.42 2.08 -3.68
N ALA A 71 2.81 1.13 -4.52
CA ALA A 71 2.51 -0.28 -4.33
C ALA A 71 3.81 -1.02 -3.96
N PHE A 72 3.81 -1.60 -2.76
CA PHE A 72 4.92 -2.37 -2.22
C PHE A 72 4.60 -3.86 -2.25
N PRO A 73 5.22 -4.62 -3.16
CA PRO A 73 5.04 -6.07 -3.09
C PRO A 73 5.59 -6.64 -1.76
N SER A 74 4.91 -7.66 -1.24
CA SER A 74 5.43 -8.40 -0.08
C SER A 74 5.01 -9.85 -0.16
N ASN A 75 5.91 -10.74 0.21
CA ASN A 75 5.65 -12.17 0.19
C ASN A 75 5.30 -12.71 1.59
N GLN A 76 4.93 -11.84 2.51
CA GLN A 76 4.74 -12.26 3.90
C GLN A 76 3.37 -12.88 4.24
N PHE A 77 2.45 -12.95 3.28
CA PHE A 77 1.08 -13.33 3.56
C PHE A 77 0.67 -14.45 2.64
N GLY A 78 0.81 -15.68 3.15
CA GLY A 78 0.56 -16.90 2.37
C GLY A 78 1.53 -17.17 1.23
N LYS A 79 2.71 -16.53 1.29
CA LYS A 79 3.69 -16.61 0.21
C LYS A 79 3.03 -16.34 -1.15
N GLN A 80 2.25 -15.26 -1.21
CA GLN A 80 1.48 -14.91 -2.40
C GLN A 80 2.17 -13.93 -3.38
N GLU A 81 3.43 -13.61 -3.10
CA GLU A 81 4.25 -12.80 -4.00
C GLU A 81 5.63 -13.47 -4.15
N PRO A 82 5.66 -14.67 -4.76
CA PRO A 82 6.91 -15.41 -4.88
C PRO A 82 7.89 -14.87 -5.92
N GLY A 83 7.43 -14.06 -6.87
CA GLY A 83 8.23 -13.71 -8.02
C GLY A 83 9.36 -12.74 -7.71
N SER A 84 10.26 -12.62 -8.68
CA SER A 84 11.29 -11.59 -8.70
C SER A 84 10.63 -10.24 -8.94
N ASN A 85 11.36 -9.16 -8.61
CA ASN A 85 10.85 -7.81 -8.88
C ASN A 85 10.53 -7.62 -10.36
N GLU A 86 11.36 -8.16 -11.23
CA GLU A 86 11.09 -8.09 -12.66
C GLU A 86 9.79 -8.82 -13.04
N GLU A 87 9.59 -10.02 -12.50
CA GLU A 87 8.35 -10.77 -12.73
C GLU A 87 7.11 -10.06 -12.20
N ILE A 88 7.24 -9.39 -11.05
CA ILE A 88 6.15 -8.63 -10.45
C ILE A 88 5.84 -7.41 -11.30
N LYS A 89 6.90 -6.72 -11.73
CA LYS A 89 6.74 -5.61 -12.66
C LYS A 89 5.96 -6.05 -13.91
N GLU A 90 6.32 -7.21 -14.47
CA GLU A 90 5.62 -7.77 -15.65
C GLU A 90 4.15 -8.13 -15.36
N PHE A 91 3.89 -8.64 -14.17
CA PHE A 91 2.52 -8.90 -13.72
C PHE A 91 1.65 -7.62 -13.63
N ALA A 92 2.19 -6.60 -12.96
CA ALA A 92 1.56 -5.28 -12.91
C ALA A 92 1.27 -4.71 -14.30
N ALA A 93 2.19 -4.94 -15.23
CA ALA A 93 2.01 -4.44 -16.60
C ALA A 93 0.75 -4.98 -17.29
N GLY A 94 0.33 -6.20 -16.94
CA GLY A 94 -0.92 -6.78 -17.45
C GLY A 94 -2.16 -5.98 -17.07
N TYR A 95 -2.09 -5.29 -15.93
CA TYR A 95 -3.17 -4.40 -15.47
C TYR A 95 -3.03 -2.96 -16.00
N ASN A 96 -2.02 -2.69 -16.82
CA ASN A 96 -1.74 -1.34 -17.35
C ASN A 96 -1.48 -0.35 -16.21
N VAL A 97 -0.73 -0.80 -15.20
CA VAL A 97 -0.35 0.01 -14.04
C VAL A 97 0.60 1.14 -14.46
N LYS A 98 0.20 2.38 -14.18
CA LYS A 98 1.01 3.55 -14.44
C LYS A 98 1.40 4.27 -13.15
N PHE A 99 1.01 3.73 -11.99
CA PHE A 99 1.43 4.29 -10.70
C PHE A 99 2.78 3.68 -10.32
N ASP A 100 3.25 3.92 -9.09
CA ASP A 100 4.63 3.63 -8.75
C ASP A 100 4.77 2.29 -8.04
N MET A 101 5.52 1.38 -8.67
CA MET A 101 5.79 0.05 -8.15
C MET A 101 7.13 0.10 -7.47
N PHE A 102 7.21 -0.51 -6.30
CA PHE A 102 8.43 -0.59 -5.51
C PHE A 102 8.98 -2.02 -5.44
N SER A 103 10.24 -2.13 -5.02
CA SER A 103 10.86 -3.44 -4.83
C SER A 103 10.20 -4.16 -3.66
N LYS A 104 10.13 -5.48 -3.75
CA LYS A 104 9.52 -6.31 -2.71
C LYS A 104 10.16 -6.07 -1.34
N ILE A 105 9.31 -5.95 -0.33
CA ILE A 105 9.75 -5.69 1.03
C ILE A 105 9.03 -6.61 2.01
N GLU A 106 9.48 -6.57 3.25
CA GLU A 106 8.69 -7.07 4.37
C GLU A 106 7.99 -5.86 4.97
N VAL A 107 6.77 -6.07 5.44
CA VAL A 107 5.98 -5.02 6.10
C VAL A 107 5.77 -5.24 7.59
N ASN A 108 6.02 -6.46 8.07
CA ASN A 108 5.95 -6.82 9.50
C ASN A 108 7.30 -7.35 9.95
N GLY A 109 7.55 -7.28 11.25
CA GLY A 109 8.75 -7.82 11.85
C GLY A 109 9.87 -6.81 11.90
N ASP A 110 11.00 -7.25 12.47
CA ASP A 110 12.12 -6.38 12.76
C ASP A 110 12.82 -5.88 11.48
N ASP A 111 12.68 -6.58 10.34
CA ASP A 111 13.29 -6.15 9.07
C ASP A 111 12.32 -5.43 8.13
N ALA A 112 11.14 -5.04 8.62
CA ALA A 112 10.18 -4.35 7.77
C ALA A 112 10.74 -3.01 7.32
N HIS A 113 10.30 -2.56 6.15
CA HIS A 113 10.78 -1.30 5.61
C HIS A 113 10.40 -0.19 6.61
N PRO A 114 11.33 0.74 6.90
CA PRO A 114 11.07 1.77 7.93
C PRO A 114 9.81 2.60 7.70
N LEU A 115 9.47 2.88 6.44
CA LEU A 115 8.18 3.51 6.12
C LEU A 115 7.02 2.75 6.72
N TRP A 116 7.01 1.42 6.53
CA TRP A 116 5.94 0.58 7.03
C TRP A 116 5.94 0.50 8.54
N LYS A 117 7.11 0.39 9.15
CA LYS A 117 7.19 0.51 10.61
C LYS A 117 6.55 1.82 11.09
N TRP A 118 6.85 2.92 10.41
CA TRP A 118 6.35 4.25 10.80
C TRP A 118 4.83 4.35 10.58
N MET A 119 4.34 3.95 9.41
CA MET A 119 2.90 4.08 9.09
C MET A 119 2.02 3.38 10.13
N LYS A 120 2.42 2.18 10.52
CA LYS A 120 1.65 1.31 11.43
C LYS A 120 1.38 1.88 12.81
N ILE A 121 2.24 2.78 13.29
CA ILE A 121 2.08 3.39 14.63
C ILE A 121 1.54 4.82 14.61
N GLN A 122 1.25 5.35 13.42
CA GLN A 122 0.70 6.69 13.30
C GLN A 122 -0.68 6.77 13.97
N PRO A 123 -1.01 7.92 14.57
CA PRO A 123 -2.35 8.12 15.15
C PRO A 123 -3.51 7.57 14.31
N LYS A 124 -3.54 7.93 13.03
CA LYS A 124 -4.61 7.47 12.13
C LYS A 124 -4.21 6.27 11.28
N GLY A 125 -3.03 5.70 11.55
CA GLY A 125 -2.55 4.45 10.91
C GLY A 125 -2.61 3.21 11.80
N LYS A 126 -3.14 3.34 13.02
CA LYS A 126 -3.23 2.20 13.95
C LYS A 126 -4.10 1.10 13.34
N GLY A 127 -3.79 -0.14 13.65
CA GLY A 127 -4.56 -1.23 13.09
C GLY A 127 -5.68 -1.56 14.03
N ILE A 128 -6.41 -2.60 13.69
CA ILE A 128 -7.37 -3.20 14.60
C ILE A 128 -6.85 -4.59 14.90
N LEU A 129 -6.78 -4.87 16.20
CA LEU A 129 -6.11 -6.03 16.79
C LEU A 129 -4.61 -5.86 16.65
N GLY A 130 -4.10 -4.82 17.28
CA GLY A 130 -2.72 -4.41 17.10
C GLY A 130 -2.47 -3.83 15.71
N ASN A 131 -1.23 -3.40 15.50
CA ASN A 131 -0.87 -2.61 14.36
C ASN A 131 -0.21 -3.36 13.22
N ALA A 132 0.12 -4.63 13.43
CA ALA A 132 0.65 -5.46 12.35
C ALA A 132 -0.27 -5.44 11.14
N ILE A 133 0.33 -5.47 9.96
CA ILE A 133 -0.40 -5.64 8.71
C ILE A 133 -0.97 -7.05 8.80
N LYS A 134 -2.25 -7.22 8.49
CA LYS A 134 -2.92 -8.52 8.69
C LYS A 134 -2.89 -9.41 7.46
N TRP A 135 -2.97 -8.81 6.27
CA TRP A 135 -2.94 -9.58 5.04
C TRP A 135 -2.57 -8.65 3.89
N ASN A 136 -2.50 -9.22 2.68
CA ASN A 136 -2.23 -8.49 1.47
C ASN A 136 -3.25 -7.40 1.25
N PHE A 137 -2.82 -6.33 0.58
CA PHE A 137 -3.70 -5.25 0.16
C PHE A 137 -4.33 -4.48 1.33
N THR A 138 -3.50 -4.17 2.32
CA THR A 138 -3.82 -3.16 3.30
C THR A 138 -3.52 -1.82 2.59
N LYS A 139 -4.29 -0.79 2.88
CA LYS A 139 -4.07 0.51 2.21
C LYS A 139 -3.92 1.59 3.28
N PHE A 140 -2.98 2.50 3.09
CA PHE A 140 -2.86 3.67 3.95
C PHE A 140 -3.12 4.89 3.08
N LEU A 141 -4.00 5.79 3.54
CA LEU A 141 -4.21 7.04 2.84
C LEU A 141 -3.31 8.10 3.50
N ILE A 142 -2.61 8.85 2.66
CA ILE A 142 -1.62 9.83 3.07
C ILE A 142 -1.99 11.20 2.51
N ASP A 143 -2.08 12.22 3.37
CA ASP A 143 -2.46 13.56 2.91
C ASP A 143 -1.30 14.26 2.17
N LYS A 144 -1.55 15.47 1.69
CA LYS A 144 -0.55 16.22 0.90
C LYS A 144 0.69 16.61 1.71
N ASN A 145 0.58 16.56 3.06
CA ASN A 145 1.72 16.78 3.95
C ASN A 145 2.40 15.52 4.46
N GLY A 146 2.01 14.37 3.92
CA GLY A 146 2.64 13.11 4.23
C GLY A 146 2.19 12.49 5.53
N VAL A 147 1.07 12.96 6.07
CA VAL A 147 0.53 12.45 7.32
C VAL A 147 -0.43 11.30 6.99
N VAL A 148 -0.34 10.24 7.76
CA VAL A 148 -1.25 9.11 7.61
C VAL A 148 -2.62 9.56 8.10
N VAL A 149 -3.62 9.44 7.24
CA VAL A 149 -4.98 9.88 7.59
C VAL A 149 -6.00 8.75 7.65
N LYS A 150 -5.71 7.60 7.04
CA LYS A 150 -6.58 6.45 7.22
C LYS A 150 -5.85 5.13 6.94
N ARG A 151 -6.28 4.05 7.59
CA ARG A 151 -5.87 2.69 7.24
C ARG A 151 -7.11 1.91 6.83
N TYR A 152 -7.05 1.27 5.66
CA TYR A 152 -8.13 0.44 5.15
C TYR A 152 -7.61 -0.99 5.16
N GLY A 153 -8.46 -1.91 5.57
CA GLY A 153 -8.06 -3.30 5.71
C GLY A 153 -8.04 -4.08 4.41
N PRO A 154 -7.50 -5.32 4.46
CA PRO A 154 -7.44 -6.18 3.28
C PRO A 154 -8.79 -6.39 2.58
N MET A 155 -9.88 -6.34 3.33
CA MET A 155 -11.21 -6.63 2.76
C MET A 155 -11.89 -5.43 2.17
N GLU A 156 -11.28 -4.25 2.32
CA GLU A 156 -11.89 -3.01 1.88
C GLU A 156 -11.30 -2.72 0.53
N GLU A 157 -12.09 -2.96 -0.52
CA GLU A 157 -11.60 -2.78 -1.88
C GLU A 157 -11.22 -1.29 -2.08
N PRO A 158 -10.30 -1.00 -3.03
CA PRO A 158 -9.82 0.37 -3.19
C PRO A 158 -10.88 1.43 -3.45
N LEU A 159 -11.97 1.06 -4.14
CA LEU A 159 -13.02 2.02 -4.42
C LEU A 159 -13.71 2.58 -3.15
N VAL A 160 -13.56 1.91 -2.02
CA VAL A 160 -14.02 2.43 -0.71
C VAL A 160 -13.31 3.74 -0.32
N ILE A 161 -12.09 3.91 -0.79
CA ILE A 161 -11.28 5.08 -0.47
C ILE A 161 -11.74 6.32 -1.24
N GLU A 162 -12.38 6.11 -2.40
CA GLU A 162 -12.71 7.19 -3.31
C GLU A 162 -13.52 8.31 -2.65
N LYS A 163 -14.49 7.95 -1.82
CA LYS A 163 -15.29 8.97 -1.08
C LYS A 163 -14.47 9.84 -0.13
N ASP A 164 -13.33 9.33 0.34
CA ASP A 164 -12.47 10.06 1.25
C ASP A 164 -11.50 11.02 0.57
N LEU A 165 -11.21 10.80 -0.73
CA LEU A 165 -10.22 11.61 -1.44
C LEU A 165 -10.47 13.14 -1.38
N PRO A 166 -11.71 13.60 -1.61
CA PRO A 166 -11.96 15.06 -1.49
C PRO A 166 -11.80 15.64 -0.07
N HIS A 167 -11.70 14.82 0.96
CA HIS A 167 -11.34 15.32 2.28
C HIS A 167 -9.90 15.86 2.38
N TYR A 168 -9.03 15.39 1.47
CA TYR A 168 -7.62 15.74 1.47
C TYR A 168 -7.06 16.37 0.18
N PHE A 169 -7.82 16.36 -0.93
CA PHE A 169 -7.36 17.09 -2.13
C PHE A 169 -7.19 18.58 -1.84
N VAL B 1 -21.10 -14.31 5.43
CA VAL B 1 -20.46 -15.31 4.49
C VAL B 1 -19.13 -15.79 5.09
N PRO B 2 -18.78 -17.09 4.88
CA PRO B 2 -17.45 -17.49 5.35
C PRO B 2 -16.30 -16.57 4.83
N CYS B 3 -15.29 -16.42 5.68
CA CYS B 3 -14.15 -15.58 5.42
C CYS B 3 -13.37 -16.22 4.28
N PRO B 4 -13.06 -15.46 3.21
CA PRO B 4 -12.48 -16.03 1.98
C PRO B 4 -10.96 -16.27 2.03
N TYR B 5 -10.33 -16.04 3.17
CA TYR B 5 -8.89 -16.25 3.31
C TYR B 5 -8.56 -17.47 4.15
N LEU B 6 -9.56 -18.15 4.68
CA LEU B 6 -9.30 -19.31 5.53
C LEU B 6 -8.60 -20.43 4.74
N PRO B 7 -7.69 -21.19 5.38
CA PRO B 7 -7.28 -21.13 6.79
C PRO B 7 -6.09 -20.17 7.07
N LEU B 8 -5.59 -19.50 6.05
CA LEU B 8 -4.38 -18.70 6.14
C LEU B 8 -4.55 -17.42 6.95
N TRP B 9 -5.73 -16.82 6.85
CA TRP B 9 -6.14 -15.71 7.72
C TRP B 9 -7.66 -15.83 7.93
N ASN B 10 -8.13 -15.38 9.09
CA ASN B 10 -9.51 -15.55 9.50
C ASN B 10 -10.28 -14.21 9.56
N CYS B 11 -9.82 -13.22 8.78
CA CYS B 11 -10.47 -11.92 8.71
C CYS B 11 -10.49 -11.17 10.04
N ALA B 12 -9.52 -11.41 10.91
CA ALA B 12 -9.53 -10.77 12.24
C ALA B 12 -8.72 -9.46 12.15
N GLY B 13 -9.43 -8.33 12.25
CA GLY B 13 -8.80 -7.02 12.31
C GLY B 13 -8.30 -6.46 11.00
N LYS B 14 -7.42 -5.47 11.09
CA LYS B 14 -6.85 -4.83 9.91
C LYS B 14 -5.56 -4.10 10.25
#